data_1OQ0
#
_entry.id   1OQ0
#
_entity_poly.entity_id   1
_entity_poly.type   'polyribonucleotide'
_entity_poly.pdbx_seq_one_letter_code
;GAGAGUUGGGCUCUC
;
_entity_poly.pdbx_strand_id   A
#
loop_
_chem_comp.id
_chem_comp.type
_chem_comp.name
_chem_comp.formula
A RNA linking ADENOSINE-5'-MONOPHOSPHATE 'C10 H14 N5 O7 P'
C RNA linking CYTIDINE-5'-MONOPHOSPHATE 'C9 H14 N3 O8 P'
G RNA linking GUANOSINE-5'-MONOPHOSPHATE 'C10 H14 N5 O8 P'
U RNA linking URIDINE-5'-MONOPHOSPHATE 'C9 H13 N2 O9 P'
#